data_5O42
#
_entry.id   5O42
#
_cell.length_a   91.461
_cell.length_b   91.461
_cell.length_c   133.087
_cell.angle_alpha   90.00
_cell.angle_beta   90.00
_cell.angle_gamma   90.00
#
_symmetry.space_group_name_H-M   'I 4 2 2'
#
loop_
_entity.id
_entity.type
_entity.pdbx_description
1 polymer '17-beta-hydroxysteroid dehydrogenase 14'
2 non-polymer NICOTINAMIDE-ADENINE-DINUCLEOTIDE
3 non-polymer 'SODIUM ION'
4 non-polymer beta-D-glucopyranose
5 non-polymer 2-fluoranyl-3-[6-[1-(4-fluoranyl-3-oxidanyl-phenyl)ethenyl]pyridin-2-yl]phenol
6 water water
#
_entity_poly.entity_id   1
_entity_poly.type   'polypeptide(L)'
_entity_poly.pdbx_seq_one_letter_code
;GHMATGTRYAGKVVVVTGGGRGIGAGIVRAFVNSGARVVICDKDESGGRALEQELPGAVFILCDVTQEDDVKTLVSETIR
RFGRLDCVVNNAGHHPPPQRPEETSAQGFRQLLELNLLGTYTLTKLALPYLRKSQGNVINISSLVGAIGQAQAVPYVATK
GAVTAMTKALALDESPYGVRVNCISPGNIWTPLWEELAALMPDPRATIREGMLAQPLGRMGQPAEVGAAAVFLASEANFC
TGIELLVTGGAELGYGCKASRSTPVDAPDIPSGS
;
_entity_poly.pdbx_strand_id   A
#
# COMPACT_ATOMS: atom_id res chain seq x y z
N GLY A 6 -13.46 9.35 15.07
CA GLY A 6 -13.15 8.50 16.21
C GLY A 6 -14.03 7.26 16.29
N THR A 7 -15.16 7.27 15.56
CA THR A 7 -16.08 6.15 15.60
C THR A 7 -16.39 5.54 14.22
N ARG A 8 -15.86 6.10 13.14
CA ARG A 8 -16.25 5.63 11.82
C ARG A 8 -15.91 4.15 11.63
N TYR A 9 -14.87 3.66 12.29
CA TYR A 9 -14.51 2.25 12.13
C TYR A 9 -14.26 1.62 13.48
N ALA A 10 -15.04 2.04 14.47
CA ALA A 10 -14.97 1.50 15.82
C ALA A 10 -15.31 0.01 15.84
N GLY A 11 -14.58 -0.73 16.66
CA GLY A 11 -14.83 -2.12 16.88
C GLY A 11 -14.26 -3.03 15.82
N LYS A 12 -13.59 -2.46 14.82
CA LYS A 12 -13.00 -3.20 13.72
C LYS A 12 -11.50 -3.41 13.93
N VAL A 13 -10.98 -4.42 13.22
CA VAL A 13 -9.59 -4.85 13.33
C VAL A 13 -8.97 -4.81 11.94
N VAL A 14 -7.81 -4.14 11.83
CA VAL A 14 -7.16 -3.84 10.57
C VAL A 14 -5.71 -4.29 10.65
N VAL A 15 -5.24 -4.93 9.59
CA VAL A 15 -3.83 -5.27 9.41
C VAL A 15 -3.26 -4.35 8.33
N VAL A 16 -2.13 -3.70 8.60
CA VAL A 16 -1.46 -2.85 7.61
C VAL A 16 -0.05 -3.40 7.44
N THR A 17 0.27 -3.85 6.23
CA THR A 17 1.61 -4.33 5.99
C THR A 17 2.53 -3.16 5.64
N GLY A 18 3.79 -3.31 5.98
CA GLY A 18 4.73 -2.21 5.84
C GLY A 18 4.27 -0.99 6.60
N GLY A 19 3.66 -1.20 7.77
CA GLY A 19 3.12 -0.07 8.52
C GLY A 19 4.10 0.69 9.39
N GLY A 20 5.38 0.37 9.31
CA GLY A 20 6.35 0.98 10.22
C GLY A 20 6.75 2.40 9.89
N ARG A 21 6.61 2.81 8.64
CA ARG A 21 7.01 4.16 8.22
C ARG A 21 6.26 4.50 6.94
N GLY A 22 6.45 5.74 6.47
CA GLY A 22 5.92 6.13 5.15
C GLY A 22 4.40 6.07 5.09
N ILE A 23 3.91 5.68 3.90
CA ILE A 23 2.48 5.58 3.66
C ILE A 23 1.84 4.64 4.66
N GLY A 24 2.49 3.50 4.92
CA GLY A 24 1.93 2.51 5.82
C GLY A 24 1.64 3.08 7.20
N ALA A 25 2.61 3.83 7.76
CA ALA A 25 2.39 4.44 9.07
C ALA A 25 1.27 5.48 9.00
N GLY A 26 1.15 6.21 7.89
CA GLY A 26 0.04 7.15 7.77
C GLY A 26 -1.31 6.44 7.75
N ILE A 27 -1.36 5.26 7.14
CA ILE A 27 -2.59 4.47 7.12
C ILE A 27 -2.88 3.91 8.50
N VAL A 28 -1.85 3.45 9.22
CA VAL A 28 -2.02 3.02 10.60
C VAL A 28 -2.64 4.15 11.43
N ARG A 29 -2.08 5.34 11.36
CA ARG A 29 -2.59 6.43 12.19
C ARG A 29 -4.04 6.75 11.82
N ALA A 30 -4.36 6.73 10.54
CA ALA A 30 -5.72 7.08 10.12
C ALA A 30 -6.72 6.10 10.68
N PHE A 31 -6.41 4.81 10.65
CA PHE A 31 -7.34 3.81 11.17
C PHE A 31 -7.45 3.89 12.69
N VAL A 32 -6.33 4.08 13.39
CA VAL A 32 -6.43 4.27 14.85
C VAL A 32 -7.34 5.45 15.16
N ASN A 33 -7.19 6.56 14.41
CA ASN A 33 -7.98 7.76 14.63
C ASN A 33 -9.45 7.55 14.30
N SER A 34 -9.78 6.54 13.49
CA SER A 34 -11.17 6.21 13.20
C SER A 34 -11.77 5.21 14.19
N GLY A 35 -11.00 4.79 15.19
CA GLY A 35 -11.52 3.92 16.25
C GLY A 35 -11.17 2.45 16.11
N ALA A 36 -10.40 2.08 15.09
CA ALA A 36 -10.07 0.70 14.85
C ALA A 36 -8.88 0.29 15.69
N ARG A 37 -8.78 -1.01 15.92
CA ARG A 37 -7.54 -1.60 16.42
C ARG A 37 -6.70 -2.04 15.23
N VAL A 38 -5.39 -1.79 15.29
CA VAL A 38 -4.54 -1.98 14.11
C VAL A 38 -3.36 -2.85 14.45
N VAL A 39 -3.08 -3.81 13.58
CA VAL A 39 -1.86 -4.62 13.65
C VAL A 39 -0.91 -4.07 12.62
N ILE A 40 0.23 -3.58 13.10
CA ILE A 40 1.30 -3.09 12.24
C ILE A 40 2.20 -4.27 11.90
N CYS A 41 2.25 -4.63 10.62
CA CYS A 41 3.17 -5.64 10.11
C CYS A 41 4.32 -4.93 9.42
N ASP A 42 5.55 -5.35 9.73
CA ASP A 42 6.72 -4.83 9.03
C ASP A 42 7.86 -5.83 9.18
N LYS A 43 8.79 -5.83 8.21
CA LYS A 43 9.96 -6.68 8.31
C LYS A 43 11.03 -6.05 9.19
N ASP A 44 10.99 -4.74 9.39
N ASP A 44 10.90 -4.75 9.46
CA ASP A 44 11.95 -4.08 10.25
CA ASP A 44 11.87 -3.94 10.20
C ASP A 44 11.24 -3.62 11.51
C ASP A 44 11.24 -3.50 11.52
N GLU A 45 11.95 -3.71 12.65
CA GLU A 45 11.34 -3.44 13.95
C GLU A 45 11.30 -1.97 14.30
N SER A 46 12.24 -1.18 13.77
CA SER A 46 12.55 0.13 14.34
C SER A 46 11.30 1.02 14.39
N GLY A 47 10.72 1.31 13.23
CA GLY A 47 9.59 2.21 13.17
C GLY A 47 8.35 1.61 13.80
N GLY A 48 8.05 0.35 13.47
CA GLY A 48 6.81 -0.24 13.92
C GLY A 48 6.72 -0.40 15.42
N ARG A 49 7.84 -0.75 16.05
CA ARG A 49 7.84 -0.90 17.50
C ARG A 49 7.59 0.44 18.20
N ALA A 50 8.13 1.52 17.64
CA ALA A 50 7.94 2.83 18.25
C ALA A 50 6.50 3.28 18.07
N LEU A 51 5.93 2.97 16.91
CA LEU A 51 4.54 3.31 16.62
C LEU A 51 3.58 2.58 17.56
N GLU A 52 3.84 1.30 17.88
N GLU A 52 3.89 1.33 17.90
CA GLU A 52 3.05 0.63 18.90
CA GLU A 52 3.09 0.58 18.87
C GLU A 52 3.10 1.38 20.20
C GLU A 52 3.14 1.20 20.26
N GLN A 53 4.31 1.74 20.65
CA GLN A 53 4.41 2.44 21.92
C GLN A 53 3.63 3.75 21.88
N GLU A 54 3.59 4.38 20.73
CA GLU A 54 3.01 5.70 20.60
C GLU A 54 1.48 5.67 20.57
N LEU A 55 0.90 4.64 19.93
CA LEU A 55 -0.52 4.63 19.60
C LEU A 55 -1.24 3.57 20.42
N PRO A 56 -2.06 3.96 21.39
CA PRO A 56 -3.00 3.01 21.99
C PRO A 56 -3.92 2.47 20.90
N GLY A 57 -4.06 1.18 20.87
CA GLY A 57 -4.88 0.57 19.83
C GLY A 57 -4.13 0.03 18.63
N ALA A 58 -2.82 0.31 18.52
CA ALA A 58 -1.95 -0.32 17.53
C ALA A 58 -0.93 -1.21 18.22
N VAL A 59 -0.65 -2.37 17.63
CA VAL A 59 0.38 -3.28 18.10
C VAL A 59 1.22 -3.72 16.92
N PHE A 60 2.47 -4.11 17.20
CA PHE A 60 3.43 -4.43 16.17
C PHE A 60 3.68 -5.93 16.13
N ILE A 61 3.65 -6.51 14.92
CA ILE A 61 4.01 -7.90 14.72
C ILE A 61 5.06 -7.95 13.62
N LEU A 62 6.23 -8.48 13.94
CA LEU A 62 7.30 -8.64 12.96
C LEU A 62 6.89 -9.67 11.91
N CYS A 63 6.90 -9.28 10.64
CA CYS A 63 6.43 -10.20 9.60
C CYS A 63 6.95 -9.72 8.25
N ASP A 64 7.68 -10.58 7.58
CA ASP A 64 8.16 -10.37 6.21
C ASP A 64 7.12 -10.97 5.28
N VAL A 65 6.43 -10.14 4.49
CA VAL A 65 5.31 -10.66 3.72
C VAL A 65 5.73 -11.59 2.60
N THR A 66 7.03 -11.71 2.31
CA THR A 66 7.50 -12.67 1.32
C THR A 66 7.73 -14.06 1.90
N GLN A 67 7.58 -14.22 3.22
CA GLN A 67 7.78 -15.49 3.89
C GLN A 67 6.41 -15.99 4.32
N GLU A 68 5.94 -17.07 3.70
CA GLU A 68 4.58 -17.53 3.88
C GLU A 68 4.26 -17.87 5.34
N ASP A 69 5.21 -18.46 6.06
CA ASP A 69 4.96 -18.81 7.45
C ASP A 69 4.89 -17.58 8.36
N ASP A 70 5.66 -16.53 8.03
CA ASP A 70 5.49 -15.24 8.72
C ASP A 70 4.05 -14.75 8.57
N VAL A 71 3.50 -14.84 7.35
CA VAL A 71 2.17 -14.29 7.10
C VAL A 71 1.10 -15.16 7.74
N LYS A 72 1.31 -16.49 7.74
CA LYS A 72 0.41 -17.38 8.46
C LYS A 72 0.34 -17.00 9.94
N THR A 73 1.50 -16.73 10.53
CA THR A 73 1.54 -16.33 11.92
C THR A 73 0.92 -14.96 12.14
N LEU A 74 1.13 -14.04 11.20
CA LEU A 74 0.52 -12.72 11.32
C LEU A 74 -1.01 -12.85 11.46
N VAL A 75 -1.63 -13.66 10.61
CA VAL A 75 -3.08 -13.81 10.62
C VAL A 75 -3.52 -14.51 11.90
N SER A 76 -2.85 -15.61 12.25
CA SER A 76 -3.34 -16.35 13.41
C SER A 76 -3.15 -15.54 14.69
N GLU A 77 -2.07 -14.78 14.78
CA GLU A 77 -1.89 -13.91 15.96
C GLU A 77 -2.90 -12.78 16.00
N THR A 78 -3.28 -12.22 14.84
CA THR A 78 -4.32 -11.19 14.83
C THR A 78 -5.63 -11.75 15.38
N ILE A 79 -6.01 -12.94 14.92
CA ILE A 79 -7.26 -13.56 15.38
C ILE A 79 -7.14 -13.94 16.84
N ARG A 80 -6.00 -14.49 17.25
CA ARG A 80 -5.85 -14.90 18.64
C ARG A 80 -5.98 -13.70 19.57
N ARG A 81 -5.39 -12.58 19.19
CA ARG A 81 -5.35 -11.43 20.08
C ARG A 81 -6.61 -10.55 20.02
N PHE A 82 -7.28 -10.46 18.87
CA PHE A 82 -8.37 -9.52 18.70
C PHE A 82 -9.69 -10.16 18.28
N GLY A 83 -9.70 -11.43 17.89
CA GLY A 83 -10.96 -12.16 17.73
C GLY A 83 -11.71 -11.94 16.44
N ARG A 84 -11.19 -11.13 15.54
CA ARG A 84 -11.83 -10.85 14.25
C ARG A 84 -10.81 -10.16 13.37
N LEU A 85 -11.14 -10.07 12.09
CA LEU A 85 -10.32 -9.34 11.11
C LEU A 85 -11.26 -8.73 10.09
N ASP A 86 -11.20 -7.41 9.93
CA ASP A 86 -12.12 -6.66 9.09
C ASP A 86 -11.53 -6.07 7.83
N CYS A 87 -10.24 -5.73 7.86
CA CYS A 87 -9.63 -5.08 6.71
C CYS A 87 -8.15 -5.41 6.67
N VAL A 88 -7.67 -5.71 5.46
N VAL A 88 -7.65 -5.75 5.49
CA VAL A 88 -6.25 -5.93 5.20
CA VAL A 88 -6.22 -5.90 5.28
C VAL A 88 -5.79 -4.85 4.23
C VAL A 88 -5.80 -4.85 4.27
N VAL A 89 -4.73 -4.13 4.59
CA VAL A 89 -4.18 -3.08 3.73
C VAL A 89 -2.81 -3.58 3.29
N ASN A 90 -2.68 -3.91 2.01
CA ASN A 90 -1.45 -4.45 1.45
C ASN A 90 -0.62 -3.30 0.92
N ASN A 91 0.20 -2.73 1.80
CA ASN A 91 1.01 -1.56 1.52
C ASN A 91 2.48 -1.88 1.34
N ALA A 92 2.99 -2.91 1.99
CA ALA A 92 4.40 -3.26 1.85
C ALA A 92 4.79 -3.39 0.37
N GLY A 93 5.92 -2.78 0.01
CA GLY A 93 6.40 -2.76 -1.36
C GLY A 93 7.64 -1.90 -1.42
N HIS A 94 8.32 -1.96 -2.56
CA HIS A 94 9.58 -1.27 -2.73
C HIS A 94 9.70 -0.75 -4.16
N HIS A 95 10.37 0.39 -4.33
CA HIS A 95 10.77 0.88 -5.65
C HIS A 95 12.29 0.80 -5.78
N PRO A 96 12.83 -0.04 -6.66
CA PRO A 96 14.28 -0.04 -6.88
C PRO A 96 14.75 1.28 -7.45
N PRO A 97 16.05 1.53 -7.47
CA PRO A 97 16.55 2.74 -8.12
C PRO A 97 16.26 2.70 -9.61
N PRO A 98 16.35 3.86 -10.28
CA PRO A 98 16.22 3.89 -11.73
C PRO A 98 17.12 2.84 -12.40
N GLN A 99 16.54 2.07 -13.31
CA GLN A 99 17.30 1.06 -14.03
C GLN A 99 16.85 1.04 -15.48
N ARG A 100 17.79 1.25 -16.40
CA ARG A 100 17.49 1.11 -17.81
C ARG A 100 17.08 -0.34 -18.09
N PRO A 101 16.24 -0.57 -19.10
CA PRO A 101 15.78 -1.94 -19.35
C PRO A 101 16.91 -2.94 -19.43
N GLU A 102 18.00 -2.58 -20.11
CA GLU A 102 19.09 -3.51 -20.29
C GLU A 102 19.88 -3.74 -19.00
N GLU A 103 19.65 -2.92 -17.97
CA GLU A 103 20.32 -3.10 -16.68
C GLU A 103 19.49 -3.93 -15.71
N THR A 104 18.25 -4.26 -16.07
CA THR A 104 17.44 -5.12 -15.24
C THR A 104 17.79 -6.58 -15.50
N SER A 105 17.38 -7.43 -14.57
CA SER A 105 17.54 -8.88 -14.69
C SER A 105 16.22 -9.57 -14.38
N ALA A 106 16.07 -10.76 -14.97
CA ALA A 106 14.93 -11.60 -14.61
C ALA A 106 14.94 -11.94 -13.13
N GLN A 107 16.13 -12.11 -12.53
CA GLN A 107 16.21 -12.42 -11.11
C GLN A 107 15.71 -11.27 -10.26
N GLY A 108 16.17 -10.06 -10.56
CA GLY A 108 15.69 -8.89 -9.86
C GLY A 108 14.20 -8.70 -10.03
N PHE A 109 13.71 -8.97 -11.24
CA PHE A 109 12.28 -8.86 -11.53
C PHE A 109 11.48 -9.85 -10.69
N ARG A 110 11.95 -11.11 -10.60
CA ARG A 110 11.26 -12.10 -9.77
C ARG A 110 11.21 -11.67 -8.32
N GLN A 111 12.32 -11.15 -7.81
CA GLN A 111 12.36 -10.78 -6.40
C GLN A 111 11.40 -9.62 -6.11
N LEU A 112 11.29 -8.66 -7.05
CA LEU A 112 10.35 -7.56 -6.83
C LEU A 112 8.90 -8.05 -6.93
N LEU A 113 8.64 -8.99 -7.84
CA LEU A 113 7.32 -9.60 -7.89
C LEU A 113 6.97 -10.29 -6.57
N GLU A 114 7.96 -10.93 -5.94
CA GLU A 114 7.70 -11.60 -4.66
C GLU A 114 7.17 -10.62 -3.62
N LEU A 115 7.75 -9.43 -3.56
CA LEU A 115 7.33 -8.47 -2.55
C LEU A 115 6.05 -7.75 -2.99
N ASN A 116 6.12 -7.04 -4.12
CA ASN A 116 5.06 -6.11 -4.49
C ASN A 116 3.77 -6.82 -4.88
N LEU A 117 3.86 -8.04 -5.42
CA LEU A 117 2.68 -8.76 -5.90
C LEU A 117 2.36 -9.97 -5.04
N LEU A 118 3.26 -10.94 -4.94
CA LEU A 118 2.92 -12.18 -4.25
C LEU A 118 2.76 -12.00 -2.75
N GLY A 119 3.40 -11.01 -2.13
CA GLY A 119 3.15 -10.75 -0.70
C GLY A 119 1.75 -10.25 -0.46
N THR A 120 1.25 -9.40 -1.36
CA THR A 120 -0.14 -8.97 -1.33
C THR A 120 -1.08 -10.15 -1.54
N TYR A 121 -0.77 -10.99 -2.53
CA TYR A 121 -1.55 -12.18 -2.80
C TYR A 121 -1.64 -13.10 -1.58
N THR A 122 -0.48 -13.38 -0.96
CA THR A 122 -0.42 -14.36 0.12
C THR A 122 -1.24 -13.91 1.34
N LEU A 123 -1.04 -12.68 1.80
CA LEU A 123 -1.81 -12.21 2.96
C LEU A 123 -3.29 -12.18 2.64
N THR A 124 -3.66 -11.70 1.46
CA THR A 124 -5.06 -11.66 1.09
C THR A 124 -5.66 -13.06 1.18
N LYS A 125 -5.00 -14.04 0.57
CA LYS A 125 -5.50 -15.41 0.58
C LYS A 125 -5.67 -15.92 2.00
N LEU A 126 -4.69 -15.67 2.88
CA LEU A 126 -4.80 -16.21 4.22
C LEU A 126 -5.84 -15.48 5.04
N ALA A 127 -6.11 -14.21 4.71
CA ALA A 127 -7.08 -13.41 5.47
C ALA A 127 -8.52 -13.61 4.99
N LEU A 128 -8.73 -14.03 3.75
CA LEU A 128 -10.08 -14.00 3.19
C LEU A 128 -11.08 -14.82 3.99
N PRO A 129 -10.76 -16.01 4.52
CA PRO A 129 -11.76 -16.73 5.35
C PRO A 129 -12.31 -15.90 6.49
N TYR A 130 -11.46 -15.09 7.13
CA TYR A 130 -11.88 -14.25 8.23
C TYR A 130 -12.61 -13.01 7.72
N LEU A 131 -12.19 -12.47 6.57
CA LEU A 131 -12.90 -11.32 6.01
C LEU A 131 -14.30 -11.72 5.58
N ARG A 132 -14.48 -12.95 5.10
CA ARG A 132 -15.82 -13.39 4.74
C ARG A 132 -16.71 -13.40 5.96
N LYS A 133 -16.18 -13.83 7.11
CA LYS A 133 -17.01 -13.90 8.31
C LYS A 133 -17.45 -12.51 8.75
N SER A 134 -16.59 -11.52 8.57
CA SER A 134 -16.84 -10.17 9.03
C SER A 134 -17.42 -9.26 7.94
N GLN A 135 -17.63 -9.78 6.73
CA GLN A 135 -17.96 -8.94 5.57
C GLN A 135 -16.98 -7.78 5.47
N GLY A 136 -15.70 -8.08 5.65
CA GLY A 136 -14.62 -7.12 5.61
C GLY A 136 -14.19 -6.80 4.20
N ASN A 137 -13.02 -6.17 4.09
CA ASN A 137 -12.56 -5.72 2.78
C ASN A 137 -11.03 -5.70 2.70
N VAL A 138 -10.56 -5.69 1.44
CA VAL A 138 -9.14 -5.66 1.09
C VAL A 138 -8.85 -4.33 0.43
N ILE A 139 -7.74 -3.69 0.82
CA ILE A 139 -7.25 -2.47 0.18
C ILE A 139 -5.81 -2.72 -0.22
N ASN A 140 -5.55 -2.69 -1.51
CA ASN A 140 -4.20 -2.82 -2.05
C ASN A 140 -3.64 -1.44 -2.40
N ILE A 141 -2.37 -1.22 -2.07
CA ILE A 141 -1.71 0.02 -2.44
C ILE A 141 -0.93 -0.27 -3.72
N SER A 142 -1.46 0.20 -4.83
CA SER A 142 -0.77 0.01 -6.10
C SER A 142 0.07 1.25 -6.39
N SER A 143 -0.07 1.82 -7.58
CA SER A 143 0.59 3.04 -7.98
C SER A 143 -0.02 3.55 -9.27
N LEU A 144 -0.04 4.87 -9.38
CA LEU A 144 -0.35 5.54 -10.63
C LEU A 144 0.50 5.01 -11.78
N VAL A 145 1.77 4.68 -11.54
CA VAL A 145 2.60 4.32 -12.68
C VAL A 145 2.26 2.96 -13.24
N GLY A 146 1.47 2.14 -12.53
CA GLY A 146 0.94 0.94 -13.15
C GLY A 146 0.02 1.24 -14.31
N ALA A 147 -0.68 2.39 -14.24
CA ALA A 147 -1.65 2.83 -15.24
C ALA A 147 -1.02 3.59 -16.39
N ILE A 148 -0.03 4.43 -16.10
CA ILE A 148 0.51 5.35 -17.11
C ILE A 148 1.96 5.08 -17.45
N GLY A 149 2.66 4.19 -16.73
CA GLY A 149 4.06 3.95 -16.96
C GLY A 149 4.96 4.93 -16.21
N GLN A 150 6.24 4.57 -16.16
CA GLN A 150 7.30 5.37 -15.56
C GLN A 150 8.60 5.02 -16.28
N ALA A 151 9.49 5.99 -16.38
CA ALA A 151 10.78 5.75 -16.99
C ALA A 151 11.72 5.00 -16.05
N GLN A 152 12.57 4.16 -16.64
CA GLN A 152 13.62 3.43 -15.94
C GLN A 152 13.06 2.63 -14.75
N ALA A 153 11.94 1.95 -14.98
CA ALA A 153 11.29 1.20 -13.92
C ALA A 153 10.42 0.06 -14.45
N VAL A 154 10.90 -0.65 -15.47
CA VAL A 154 10.08 -1.72 -16.06
C VAL A 154 9.60 -2.71 -15.01
N PRO A 155 10.45 -3.27 -14.14
CA PRO A 155 9.94 -4.23 -13.16
C PRO A 155 8.92 -3.63 -12.19
N TYR A 156 9.20 -2.44 -11.64
CA TYR A 156 8.26 -1.84 -10.70
C TYR A 156 6.90 -1.59 -11.35
N VAL A 157 6.90 -0.99 -12.54
CA VAL A 157 5.64 -0.71 -13.25
C VAL A 157 4.85 -1.99 -13.46
N ALA A 158 5.54 -3.04 -13.92
CA ALA A 158 4.87 -4.30 -14.15
C ALA A 158 4.20 -4.82 -12.87
N THR A 159 4.90 -4.74 -11.72
CA THR A 159 4.30 -5.27 -10.50
C THR A 159 3.04 -4.49 -10.13
N LYS A 160 3.02 -3.19 -10.36
CA LYS A 160 1.85 -2.41 -9.99
C LYS A 160 0.72 -2.58 -10.99
N GLY A 161 1.03 -2.72 -12.28
CA GLY A 161 0.02 -3.17 -13.23
C GLY A 161 -0.66 -4.44 -12.76
N ALA A 162 0.14 -5.40 -12.26
CA ALA A 162 -0.41 -6.67 -11.79
C ALA A 162 -1.31 -6.48 -10.57
N VAL A 163 -0.90 -5.62 -9.63
CA VAL A 163 -1.71 -5.43 -8.41
C VAL A 163 -3.06 -4.83 -8.77
N THR A 164 -3.06 -3.80 -9.58
CA THR A 164 -4.32 -3.17 -9.95
C THR A 164 -5.24 -4.14 -10.66
N ALA A 165 -4.71 -4.92 -11.60
CA ALA A 165 -5.52 -5.90 -12.31
C ALA A 165 -6.03 -6.97 -11.36
N MET A 166 -5.16 -7.50 -10.50
CA MET A 166 -5.52 -8.53 -9.53
C MET A 166 -6.66 -8.06 -8.63
N THR A 167 -6.61 -6.78 -8.21
CA THR A 167 -7.67 -6.18 -7.42
C THR A 167 -9.04 -6.37 -8.06
N LYS A 168 -9.12 -6.13 -9.37
CA LYS A 168 -10.41 -6.27 -10.08
C LYS A 168 -10.85 -7.73 -10.16
N ALA A 169 -9.94 -8.63 -10.49
CA ALA A 169 -10.27 -10.06 -10.53
C ALA A 169 -10.81 -10.54 -9.18
N LEU A 170 -10.08 -10.22 -8.12
CA LEU A 170 -10.49 -10.67 -6.80
C LEU A 170 -11.80 -10.02 -6.37
N ALA A 171 -12.04 -8.77 -6.75
CA ALA A 171 -13.30 -8.14 -6.43
C ALA A 171 -14.47 -8.92 -7.04
N LEU A 172 -14.29 -9.39 -8.29
CA LEU A 172 -15.30 -10.23 -8.93
C LEU A 172 -15.53 -11.51 -8.15
N ASP A 173 -14.46 -12.21 -7.80
CA ASP A 173 -14.60 -13.49 -7.14
C ASP A 173 -15.21 -13.36 -5.74
N GLU A 174 -14.88 -12.31 -5.01
CA GLU A 174 -15.32 -12.22 -3.61
C GLU A 174 -16.64 -11.47 -3.44
N SER A 175 -17.17 -10.87 -4.50
CA SER A 175 -18.42 -10.12 -4.39
C SER A 175 -19.60 -10.98 -3.93
N PRO A 176 -19.75 -12.25 -4.34
CA PRO A 176 -20.87 -13.05 -3.82
C PRO A 176 -20.84 -13.22 -2.32
N TYR A 177 -19.69 -13.01 -1.70
CA TYR A 177 -19.55 -13.22 -0.26
C TYR A 177 -19.57 -11.90 0.50
N GLY A 178 -19.82 -10.78 -0.16
CA GLY A 178 -19.89 -9.51 0.53
C GLY A 178 -18.56 -8.89 0.90
N VAL A 179 -17.46 -9.39 0.33
CA VAL A 179 -16.12 -8.87 0.60
C VAL A 179 -15.71 -7.99 -0.57
N ARG A 180 -15.49 -6.71 -0.30
CA ARG A 180 -15.03 -5.75 -1.29
C ARG A 180 -13.52 -5.75 -1.37
N VAL A 181 -13.00 -5.47 -2.57
CA VAL A 181 -11.57 -5.49 -2.86
C VAL A 181 -11.28 -4.26 -3.71
N ASN A 182 -10.53 -3.30 -3.17
CA ASN A 182 -10.26 -2.06 -3.87
C ASN A 182 -8.76 -1.76 -3.80
N CYS A 183 -8.30 -0.83 -4.63
CA CYS A 183 -6.92 -0.38 -4.52
C CYS A 183 -6.86 1.15 -4.56
N ILE A 184 -5.77 1.64 -3.99
CA ILE A 184 -5.39 3.05 -4.05
C ILE A 184 -4.13 3.11 -4.89
N SER A 185 -4.11 4.05 -5.84
CA SER A 185 -2.95 4.28 -6.70
C SER A 185 -2.40 5.65 -6.33
N PRO A 186 -1.44 5.74 -5.41
CA PRO A 186 -0.84 7.03 -5.13
C PRO A 186 0.10 7.42 -6.24
N GLY A 187 0.28 8.72 -6.37
CA GLY A 187 1.39 9.30 -7.11
C GLY A 187 2.54 9.60 -6.18
N ASN A 188 3.22 10.71 -6.45
CA ASN A 188 4.33 11.14 -5.61
C ASN A 188 3.92 11.45 -4.18
N ILE A 189 4.23 10.56 -3.24
CA ILE A 189 3.98 10.79 -1.82
C ILE A 189 5.34 10.93 -1.14
N TRP A 190 5.49 11.98 -0.33
CA TRP A 190 6.75 12.25 0.37
C TRP A 190 6.90 11.27 1.53
N THR A 191 7.83 10.34 1.37
CA THR A 191 8.08 9.26 2.32
C THR A 191 9.58 9.01 2.43
N PRO A 192 10.01 8.16 3.36
CA PRO A 192 11.43 7.82 3.41
C PRO A 192 11.93 7.16 2.14
N LEU A 193 11.10 6.36 1.47
CA LEU A 193 11.53 5.79 0.21
C LEU A 193 11.77 6.88 -0.84
N TRP A 194 10.87 7.85 -0.93
CA TRP A 194 11.10 8.96 -1.87
C TRP A 194 12.41 9.67 -1.53
N GLU A 195 12.62 9.94 -0.25
CA GLU A 195 13.84 10.64 0.18
C GLU A 195 15.09 9.82 -0.13
N GLU A 196 15.03 8.50 0.08
CA GLU A 196 16.17 7.63 -0.21
C GLU A 196 16.49 7.61 -1.70
N LEU A 197 15.46 7.47 -2.54
CA LEU A 197 15.71 7.48 -3.99
C LEU A 197 16.27 8.82 -4.45
N ALA A 198 15.75 9.92 -3.92
CA ALA A 198 16.28 11.23 -4.33
C ALA A 198 17.74 11.38 -3.94
N ALA A 199 18.14 10.84 -2.78
CA ALA A 199 19.52 11.00 -2.33
C ALA A 199 20.52 10.27 -3.21
N LEU A 200 20.05 9.33 -4.03
CA LEU A 200 20.90 8.63 -4.99
C LEU A 200 21.24 9.49 -6.20
N MET A 201 20.50 10.56 -6.44
CA MET A 201 20.60 11.33 -7.67
C MET A 201 21.76 12.29 -7.62
N PRO A 202 22.26 12.70 -8.79
CA PRO A 202 23.31 13.74 -8.82
C PRO A 202 22.90 14.99 -8.07
N ASP A 203 21.68 15.48 -8.31
CA ASP A 203 21.14 16.66 -7.63
C ASP A 203 19.86 16.23 -6.93
N PRO A 204 19.95 15.72 -5.70
CA PRO A 204 18.73 15.37 -4.96
C PRO A 204 17.72 16.49 -4.88
N ARG A 205 18.18 17.70 -4.61
CA ARG A 205 17.27 18.84 -4.49
C ARG A 205 16.50 19.06 -5.78
N ALA A 206 17.19 18.97 -6.93
CA ALA A 206 16.49 19.11 -8.20
C ALA A 206 15.49 17.97 -8.41
N THR A 207 15.86 16.75 -8.04
CA THR A 207 14.94 15.64 -8.18
C THR A 207 13.68 15.88 -7.36
N ILE A 208 13.84 16.40 -6.15
CA ILE A 208 12.69 16.65 -5.29
C ILE A 208 11.84 17.79 -5.84
N ARG A 209 12.47 18.83 -6.39
CA ARG A 209 11.72 19.93 -6.99
C ARG A 209 10.91 19.47 -8.18
N GLU A 210 11.52 18.66 -9.06
CA GLU A 210 10.77 18.10 -10.18
C GLU A 210 9.59 17.28 -9.69
N GLY A 211 9.80 16.50 -8.62
CA GLY A 211 8.75 15.65 -8.09
C GLY A 211 7.56 16.46 -7.59
N MET A 212 7.83 17.61 -6.97
CA MET A 212 6.75 18.49 -6.53
C MET A 212 5.99 19.09 -7.71
N LEU A 213 6.70 19.52 -8.74
CA LEU A 213 6.03 20.17 -9.85
C LEU A 213 5.40 19.19 -10.84
N ALA A 214 5.60 17.88 -10.65
CA ALA A 214 4.92 16.92 -11.50
C ALA A 214 3.42 16.89 -11.29
N GLN A 215 2.93 17.51 -10.20
CA GLN A 215 1.50 17.55 -9.89
C GLN A 215 0.96 18.93 -10.17
N PRO A 216 -0.20 19.04 -10.82
CA PRO A 216 -0.85 20.37 -10.90
C PRO A 216 -0.98 21.06 -9.55
N LEU A 217 -1.17 20.31 -8.47
CA LEU A 217 -1.31 20.93 -7.15
C LEU A 217 0.01 21.51 -6.62
N GLY A 218 1.14 21.20 -7.25
CA GLY A 218 2.40 21.85 -6.92
C GLY A 218 3.14 21.30 -5.73
N ARG A 219 2.71 20.18 -5.17
CA ARG A 219 3.37 19.56 -4.04
C ARG A 219 3.23 18.05 -4.17
N MET A 220 4.01 17.35 -3.35
CA MET A 220 3.81 15.92 -3.18
C MET A 220 2.70 15.67 -2.17
N GLY A 221 2.21 14.45 -2.18
CA GLY A 221 1.20 14.03 -1.26
C GLY A 221 1.78 13.59 0.06
N GLN A 222 0.88 13.42 1.06
CA GLN A 222 1.27 13.00 2.41
C GLN A 222 0.75 11.60 2.71
N PRO A 223 1.47 10.83 3.53
CA PRO A 223 0.88 9.57 4.03
C PRO A 223 -0.51 9.71 4.63
N ALA A 224 -0.79 10.81 5.35
CA ALA A 224 -2.10 10.99 5.95
C ALA A 224 -3.20 11.05 4.90
N GLU A 225 -2.89 11.58 3.72
CA GLU A 225 -3.90 11.67 2.66
C GLU A 225 -4.19 10.30 2.06
N VAL A 226 -3.17 9.45 1.90
CA VAL A 226 -3.45 8.07 1.52
C VAL A 226 -4.22 7.37 2.62
N GLY A 227 -3.88 7.67 3.88
CA GLY A 227 -4.58 7.03 4.97
C GLY A 227 -6.06 7.39 5.01
N ALA A 228 -6.39 8.64 4.69
CA ALA A 228 -7.79 9.04 4.67
C ALA A 228 -8.56 8.31 3.58
N ALA A 229 -7.91 8.12 2.42
CA ALA A 229 -8.53 7.37 1.34
C ALA A 229 -8.78 5.94 1.74
N ALA A 230 -7.85 5.35 2.50
CA ALA A 230 -8.03 3.97 2.93
C ALA A 230 -9.18 3.85 3.92
N VAL A 231 -9.27 4.77 4.87
CA VAL A 231 -10.40 4.76 5.81
C VAL A 231 -11.73 4.91 5.09
N PHE A 232 -11.78 5.78 4.08
CA PHE A 232 -12.99 5.90 3.27
C PHE A 232 -13.36 4.56 2.66
N LEU A 233 -12.39 3.92 1.99
CA LEU A 233 -12.69 2.67 1.30
C LEU A 233 -13.16 1.60 2.27
N ALA A 234 -12.56 1.55 3.46
CA ALA A 234 -12.92 0.53 4.44
C ALA A 234 -14.30 0.79 5.04
N SER A 235 -14.58 2.04 5.40
CA SER A 235 -15.66 2.34 6.33
C SER A 235 -16.90 2.94 5.67
N GLU A 236 -16.78 3.55 4.50
CA GLU A 236 -17.89 4.31 3.92
C GLU A 236 -18.15 4.01 2.44
N ALA A 237 -17.34 3.19 1.79
CA ALA A 237 -17.47 2.92 0.35
C ALA A 237 -18.15 1.59 0.08
N ASN A 238 -19.33 1.40 0.68
CA ASN A 238 -19.98 0.11 0.68
C ASN A 238 -20.49 -0.33 -0.70
N PHE A 239 -20.58 0.57 -1.68
CA PHE A 239 -20.95 0.20 -3.04
C PHE A 239 -19.75 0.26 -3.98
N CYS A 240 -18.53 0.40 -3.44
CA CYS A 240 -17.31 0.37 -4.25
C CYS A 240 -16.62 -0.97 -4.13
N THR A 241 -16.41 -1.62 -5.27
CA THR A 241 -15.51 -2.75 -5.28
C THR A 241 -14.85 -2.79 -6.65
N GLY A 242 -13.60 -3.21 -6.63
CA GLY A 242 -12.80 -3.25 -7.82
C GLY A 242 -12.37 -1.90 -8.35
N ILE A 243 -12.44 -0.81 -7.53
CA ILE A 243 -12.07 0.51 -8.03
C ILE A 243 -10.59 0.76 -7.78
N GLU A 244 -10.07 1.73 -8.52
CA GLU A 244 -8.71 2.24 -8.40
C GLU A 244 -8.85 3.70 -8.01
N LEU A 245 -8.55 4.02 -6.75
CA LEU A 245 -8.72 5.36 -6.21
C LEU A 245 -7.41 6.12 -6.34
N LEU A 246 -7.36 7.11 -7.24
CA LEU A 246 -6.15 7.88 -7.53
C LEU A 246 -5.92 8.93 -6.46
N VAL A 247 -4.73 8.92 -5.87
CA VAL A 247 -4.32 9.91 -4.88
C VAL A 247 -2.99 10.46 -5.39
N THR A 248 -3.06 11.37 -6.37
CA THR A 248 -1.92 11.71 -7.21
C THR A 248 -1.71 13.21 -7.40
N GLY A 249 -2.57 14.05 -6.85
CA GLY A 249 -2.49 15.49 -7.08
C GLY A 249 -2.69 15.92 -8.52
N GLY A 250 -3.28 15.05 -9.35
CA GLY A 250 -3.52 15.37 -10.74
C GLY A 250 -2.39 15.09 -11.70
N ALA A 251 -1.40 14.29 -11.28
CA ALA A 251 -0.22 14.10 -12.13
C ALA A 251 -0.56 13.47 -13.47
N GLU A 252 -1.64 12.71 -13.55
CA GLU A 252 -2.02 12.03 -14.78
C GLU A 252 -2.74 12.94 -15.76
N LEU A 253 -3.10 14.15 -15.35
CA LEU A 253 -3.88 15.05 -16.19
C LEU A 253 -2.99 15.85 -17.11
N GLY A 254 -3.49 16.09 -18.32
CA GLY A 254 -2.85 17.01 -19.26
C GLY A 254 -1.51 16.56 -19.79
N TYR A 255 -0.91 17.49 -20.53
CA TYR A 255 0.37 17.38 -21.22
C TYR A 255 1.49 17.93 -20.37
N GLY A 256 2.69 17.41 -20.61
CA GLY A 256 3.89 17.91 -19.95
C GLY A 256 5.10 17.52 -20.77
N CYS A 257 6.26 17.83 -20.24
CA CYS A 257 7.53 17.52 -20.91
C CYS A 257 7.84 16.04 -20.74
N LYS A 258 7.77 15.28 -21.84
CA LYS A 258 8.06 13.84 -21.80
C LYS A 258 9.27 13.49 -22.66
N PRO A 268 8.94 19.67 -37.51
CA PRO A 268 8.23 19.50 -36.24
C PRO A 268 7.53 18.14 -36.13
N ASP A 269 7.25 17.52 -37.28
CA ASP A 269 6.53 16.26 -37.33
C ASP A 269 7.35 15.14 -37.97
N ILE A 270 8.68 15.25 -37.91
CA ILE A 270 9.56 14.17 -38.37
C ILE A 270 10.84 14.05 -37.53
#